data_8W7Y
#
_entry.id   8W7Y
#
_cell.length_a   63.743
_cell.length_b   63.743
_cell.length_c   231.812
_cell.angle_alpha   90.00
_cell.angle_beta   90.00
_cell.angle_gamma   120.00
#
_symmetry.space_group_name_H-M   'P 32 2 1'
#
loop_
_entity.id
_entity.type
_entity.pdbx_description
1 polymer GcCGT
2 non-polymer "URIDINE-5'-DIPHOSPHATE"
3 water water
#
_entity_poly.entity_id   1
_entity_poly.type   'polypeptide(L)'
_entity_poly.pdbx_seq_one_letter_code
;GSMGSLTKNDNLHIFLVCFIGQGVVNPMLRLGKAFASKGLLVTLSAPEIVGREIRKANNLNDDQSIKVGNGMIRFEFFDD
GWESVNGSKPFDVGVYINHLDQAGRQKLPIMLKKHEESGTPVSCLILNPLVPWVADVADSLQIPCATLWVQSCASFSAYY
HYHHGLVPFPTESEPEIDVQLPGMPLLKYDEVPDYLHPRTPYPFFGTNILGQFKNLSKNFCILMDTFYELEHETIDSITK
ICPIKPIGPLFKIPKDPSSNGITGNFMKVDDCKEWLDTRPPSTVVYVSVGSVVYLKQEQVTEMAYGILNSEVSFLWVLRP
PSKRIGTEPHVLPEEFWEKAGDRGKVVQWSPQEQVLAHPATAAFLTHCGWNSTQEAISSGVPVITFPQFGDQVTNAKFLV
EEFKVGVRLSRGELENRIITRDEVERALREITSGPKAEEVKENALKWKKAAEETVAKGGNSERNLVEFIEEVARKTGSKH
ESHVG
;
_entity_poly.pdbx_strand_id   A
#
# COMPACT_ATOMS: atom_id res chain seq x y z
N MET A 3 -29.87 -27.48 3.38
CA MET A 3 -29.00 -26.66 4.22
C MET A 3 -29.48 -26.62 5.66
N GLY A 4 -30.78 -26.76 5.87
CA GLY A 4 -31.36 -26.79 7.20
C GLY A 4 -32.05 -25.49 7.57
N SER A 5 -33.08 -25.59 8.40
CA SER A 5 -33.81 -24.42 8.85
C SER A 5 -32.90 -23.49 9.67
N LEU A 6 -33.17 -22.20 9.56
CA LEU A 6 -32.37 -21.19 10.27
C LEU A 6 -32.73 -21.19 11.76
N THR A 7 -31.71 -21.28 12.61
CA THR A 7 -31.90 -21.30 14.05
C THR A 7 -31.14 -20.18 14.76
N LYS A 8 -30.58 -19.24 14.01
CA LYS A 8 -29.85 -18.11 14.55
C LYS A 8 -29.73 -17.08 13.44
N ASN A 9 -29.47 -15.83 13.83
CA ASN A 9 -29.33 -14.76 12.85
C ASN A 9 -28.30 -13.75 13.36
N ASP A 10 -27.06 -14.18 13.53
CA ASP A 10 -26.01 -13.33 14.05
C ASP A 10 -25.32 -12.54 12.94
N ASN A 11 -24.83 -11.36 13.29
CA ASN A 11 -23.91 -10.63 12.44
C ASN A 11 -22.52 -11.26 12.56
N LEU A 12 -21.63 -10.86 11.67
CA LEU A 12 -20.22 -11.24 11.76
C LEU A 12 -19.45 -10.12 12.45
N HIS A 13 -18.26 -10.46 12.94
CA HIS A 13 -17.39 -9.49 13.62
C HIS A 13 -15.98 -9.63 13.06
N ILE A 14 -15.57 -8.68 12.23
CA ILE A 14 -14.25 -8.65 11.64
C ILE A 14 -13.33 -7.81 12.52
N PHE A 15 -12.19 -8.39 12.90
CA PHE A 15 -11.26 -7.78 13.85
C PHE A 15 -9.91 -7.63 13.15
N LEU A 16 -9.61 -6.40 12.71
CA LEU A 16 -8.38 -6.09 12.01
C LEU A 16 -7.32 -5.63 12.99
N VAL A 17 -6.08 -6.06 12.78
CA VAL A 17 -4.96 -5.72 13.65
C VAL A 17 -3.90 -5.00 12.80
N CYS A 18 -3.67 -3.73 13.11
CA CYS A 18 -2.71 -2.92 12.35
C CYS A 18 -1.33 -2.98 12.98
N PHE A 19 -0.34 -2.52 12.22
CA PHE A 19 1.00 -2.28 12.71
C PHE A 19 1.18 -0.77 12.88
N ILE A 20 2.24 -0.16 12.37
CA ILE A 20 2.54 1.26 12.58
C ILE A 20 2.57 1.95 11.23
N GLY A 21 2.17 3.22 11.21
CA GLY A 21 2.31 4.05 10.03
C GLY A 21 1.09 3.99 9.11
N GLN A 22 1.01 5.01 8.25
CA GLN A 22 -0.11 5.10 7.32
C GLN A 22 -0.08 3.98 6.29
N GLY A 23 1.10 3.42 6.00
CA GLY A 23 1.21 2.37 5.00
C GLY A 23 0.47 1.10 5.33
N VAL A 24 0.08 0.93 6.60
CA VAL A 24 -0.69 -0.23 7.02
C VAL A 24 -2.10 0.18 7.46
N VAL A 25 -2.23 1.33 8.12
CA VAL A 25 -3.53 1.73 8.64
C VAL A 25 -4.51 2.01 7.51
N ASN A 26 -4.07 2.72 6.48
CA ASN A 26 -4.98 3.09 5.39
C ASN A 26 -5.52 1.89 4.64
N PRO A 27 -4.71 0.95 4.14
CA PRO A 27 -5.31 -0.23 3.48
C PRO A 27 -6.19 -1.03 4.42
N MET A 28 -5.76 -1.17 5.68
CA MET A 28 -6.58 -1.84 6.68
C MET A 28 -7.90 -1.11 6.90
N LEU A 29 -7.87 0.22 6.98
CA LEU A 29 -9.10 0.98 7.16
C LEU A 29 -9.99 0.92 5.92
N ARG A 30 -9.38 0.87 4.73
CA ARG A 30 -10.19 0.74 3.52
C ARG A 30 -10.89 -0.61 3.45
N LEU A 31 -10.20 -1.67 3.87
CA LEU A 31 -10.82 -2.99 3.93
C LEU A 31 -11.97 -3.01 4.94
N GLY A 32 -11.75 -2.40 6.11
CA GLY A 32 -12.80 -2.37 7.12
C GLY A 32 -14.03 -1.59 6.68
N LYS A 33 -13.85 -0.52 5.90
CA LYS A 33 -14.99 0.25 5.42
C LYS A 33 -15.81 -0.57 4.43
N ALA A 34 -15.13 -1.36 3.61
CA ALA A 34 -15.83 -2.25 2.68
C ALA A 34 -16.66 -3.28 3.43
N PHE A 35 -16.10 -3.86 4.50
CA PHE A 35 -16.85 -4.82 5.31
C PHE A 35 -18.05 -4.16 5.99
N ALA A 36 -17.88 -2.94 6.50
CA ALA A 36 -18.97 -2.29 7.22
C ALA A 36 -20.10 -1.90 6.29
N SER A 37 -19.80 -1.54 5.04
CA SER A 37 -20.86 -1.22 4.10
C SER A 37 -21.67 -2.46 3.73
N LYS A 38 -21.12 -3.66 3.96
CA LYS A 38 -21.85 -4.90 3.74
C LYS A 38 -22.42 -5.47 5.04
N GLY A 39 -22.63 -4.62 6.04
CA GLY A 39 -23.38 -4.98 7.22
C GLY A 39 -22.63 -5.67 8.34
N LEU A 40 -21.31 -5.79 8.23
CA LEU A 40 -20.55 -6.50 9.26
C LEU A 40 -20.05 -5.53 10.33
N LEU A 41 -19.93 -6.04 11.56
CA LEU A 41 -19.28 -5.30 12.62
C LEU A 41 -17.77 -5.41 12.44
N VAL A 42 -17.10 -4.27 12.36
CA VAL A 42 -15.66 -4.20 12.10
C VAL A 42 -14.99 -3.50 13.26
N THR A 43 -13.99 -4.15 13.84
CA THR A 43 -13.14 -3.53 14.86
C THR A 43 -11.76 -3.31 14.25
N LEU A 44 -11.36 -2.05 14.14
CA LEU A 44 -9.98 -1.70 13.78
C LEU A 44 -9.17 -1.61 15.05
N SER A 45 -8.22 -2.52 15.22
CA SER A 45 -7.39 -2.57 16.41
C SER A 45 -5.96 -2.19 16.05
N ALA A 46 -5.29 -1.48 16.95
CA ALA A 46 -3.95 -0.98 16.70
C ALA A 46 -3.29 -0.67 18.04
N PRO A 47 -1.97 -0.64 18.09
CA PRO A 47 -1.29 -0.18 19.31
C PRO A 47 -1.64 1.27 19.62
N GLU A 48 -1.44 1.64 20.88
CA GLU A 48 -1.83 2.96 21.34
C GLU A 48 -1.07 4.07 20.61
N ILE A 49 0.18 3.82 20.21
CA ILE A 49 0.93 4.86 19.53
C ILE A 49 0.32 5.19 18.16
N VAL A 50 -0.44 4.26 17.58
CA VAL A 50 -1.20 4.56 16.38
C VAL A 50 -2.54 5.21 16.74
N GLY A 51 -3.18 4.74 17.82
CA GLY A 51 -4.44 5.30 18.25
C GLY A 51 -4.38 6.77 18.62
N ARG A 52 -3.20 7.28 19.00
CA ARG A 52 -3.07 8.72 19.21
C ARG A 52 -3.23 9.48 17.91
N GLU A 53 -2.67 8.95 16.82
CA GLU A 53 -2.76 9.65 15.54
C GLU A 53 -4.15 9.51 14.92
N ILE A 54 -4.83 8.39 15.17
CA ILE A 54 -6.18 8.20 14.63
C ILE A 54 -7.17 9.12 15.34
N ARG A 55 -7.08 9.22 16.66
CA ARG A 55 -7.97 10.12 17.39
C ARG A 55 -7.67 11.58 17.07
N LYS A 56 -6.42 11.91 16.78
CA LYS A 56 -6.08 13.30 16.45
C LYS A 56 -6.56 13.65 15.04
N ALA A 57 -6.44 12.73 14.09
CA ALA A 57 -6.83 13.03 12.72
C ALA A 57 -8.34 13.13 12.57
N ASN A 58 -9.10 12.31 13.33
CA ASN A 58 -10.55 12.23 13.24
C ASN A 58 -11.18 12.87 14.47
N ASN A 59 -12.51 12.76 14.57
CA ASN A 59 -13.29 13.23 15.72
C ASN A 59 -14.13 12.05 16.20
N LEU A 60 -13.51 11.15 16.96
CA LEU A 60 -14.19 9.97 17.44
C LEU A 60 -14.97 10.30 18.71
N ASN A 61 -16.20 9.78 18.79
CA ASN A 61 -17.06 10.02 19.95
C ASN A 61 -16.58 9.17 21.12
N ASP A 62 -17.37 9.13 22.20
CA ASP A 62 -16.92 8.49 23.44
C ASP A 62 -16.73 6.99 23.28
N ASP A 63 -17.51 6.35 22.42
CA ASP A 63 -17.37 4.93 22.14
C ASP A 63 -16.57 4.64 20.87
N GLN A 64 -16.19 5.68 20.13
CA GLN A 64 -15.30 5.56 18.97
C GLN A 64 -15.85 4.58 17.93
N SER A 65 -17.05 4.87 17.45
CA SER A 65 -17.71 3.98 16.50
C SER A 65 -18.59 4.79 15.56
N ILE A 66 -18.74 4.29 14.33
CA ILE A 66 -19.65 4.88 13.35
C ILE A 66 -20.54 3.79 12.79
N LYS A 67 -21.78 4.17 12.47
CA LYS A 67 -22.78 3.23 11.98
C LYS A 67 -22.85 3.30 10.46
N VAL A 68 -22.91 2.13 9.82
CA VAL A 68 -23.00 2.03 8.36
C VAL A 68 -24.07 0.97 8.08
N GLY A 69 -25.32 1.40 8.00
CA GLY A 69 -26.41 0.43 7.96
C GLY A 69 -26.47 -0.31 9.28
N ASN A 70 -26.58 -1.63 9.21
CA ASN A 70 -26.39 -2.46 10.39
C ASN A 70 -24.91 -2.76 10.64
N GLY A 71 -24.03 -2.40 9.71
CA GLY A 71 -22.60 -2.55 9.93
C GLY A 71 -22.06 -1.44 10.80
N MET A 72 -20.81 -1.60 11.23
CA MET A 72 -20.21 -0.61 12.11
C MET A 72 -18.69 -0.68 12.01
N ILE A 73 -18.05 0.48 12.06
CA ILE A 73 -16.61 0.58 12.21
C ILE A 73 -16.37 1.13 13.62
N ARG A 74 -15.73 0.33 14.47
CA ARG A 74 -15.33 0.78 15.79
C ARG A 74 -13.83 0.60 15.96
N PHE A 75 -13.27 1.31 16.93
CA PHE A 75 -11.84 1.30 17.19
C PHE A 75 -11.58 0.77 18.59
N GLU A 76 -10.59 -0.12 18.70
CA GLU A 76 -10.20 -0.71 19.99
C GLU A 76 -8.68 -0.71 20.04
N PHE A 77 -8.10 0.33 20.63
CA PHE A 77 -6.65 0.46 20.75
C PHE A 77 -6.19 -0.17 22.05
N PHE A 78 -5.11 -0.96 21.97
CA PHE A 78 -4.56 -1.63 23.14
C PHE A 78 -3.22 -1.02 23.51
N ASP A 79 -2.86 -1.13 24.78
CA ASP A 79 -1.62 -0.56 25.30
C ASP A 79 -0.48 -1.53 25.02
N ASP A 80 0.46 -1.13 24.17
CA ASP A 80 1.62 -1.94 23.86
C ASP A 80 2.74 -1.76 24.88
N GLY A 81 2.55 -0.91 25.88
CA GLY A 81 3.56 -0.67 26.89
C GLY A 81 4.86 -0.10 26.38
N TRP A 82 4.84 0.55 25.21
CA TRP A 82 6.09 0.91 24.54
C TRP A 82 6.76 2.12 25.19
N GLU A 83 5.98 3.17 25.51
CA GLU A 83 6.56 4.38 26.07
C GLU A 83 7.27 4.11 27.39
N SER A 84 6.74 3.19 28.20
CA SER A 84 7.37 2.90 29.49
C SER A 84 8.66 2.11 29.30
N VAL A 85 8.70 1.21 28.33
CA VAL A 85 9.87 0.37 28.12
C VAL A 85 10.96 1.12 27.36
N ASN A 86 10.56 1.89 26.34
CA ASN A 86 11.54 2.50 25.44
C ASN A 86 12.18 3.73 26.07
N GLY A 87 11.43 4.54 26.81
CA GLY A 87 12.03 5.65 27.52
C GLY A 87 12.59 6.69 26.57
N SER A 88 13.80 7.15 26.85
CA SER A 88 14.42 8.21 26.06
C SER A 88 15.05 7.71 24.76
N LYS A 89 14.87 6.45 24.42
CA LYS A 89 15.54 5.96 23.24
C LYS A 89 14.79 6.39 21.98
N PRO A 90 15.50 6.66 20.89
CA PRO A 90 14.81 6.96 19.63
C PRO A 90 14.12 5.71 19.11
N PHE A 91 13.08 5.94 18.30
CA PHE A 91 12.29 4.82 17.83
C PHE A 91 13.13 3.93 16.92
N ASP A 92 13.01 2.62 17.15
CA ASP A 92 13.74 1.60 16.40
C ASP A 92 12.71 0.55 16.00
N VAL A 93 12.34 0.51 14.72
CA VAL A 93 11.28 -0.40 14.28
C VAL A 93 11.73 -1.84 14.43
N GLY A 94 13.02 -2.12 14.35
CA GLY A 94 13.51 -3.46 14.61
C GLY A 94 13.30 -3.88 16.04
N VAL A 95 13.57 -2.97 16.99
CA VAL A 95 13.27 -3.25 18.39
C VAL A 95 11.76 -3.32 18.61
N TYR A 96 11.01 -2.44 17.94
CA TYR A 96 9.59 -2.32 18.26
C TYR A 96 8.81 -3.55 17.81
N ILE A 97 9.11 -4.06 16.62
CA ILE A 97 8.34 -5.18 16.08
C ILE A 97 8.47 -6.40 16.98
N ASN A 98 9.64 -6.61 17.60
CA ASN A 98 9.79 -7.70 18.56
C ASN A 98 9.01 -7.39 19.83
N HIS A 99 9.00 -6.13 20.26
CA HIS A 99 8.22 -5.77 21.44
C HIS A 99 6.74 -5.99 21.22
N LEU A 100 6.21 -5.51 20.08
CA LEU A 100 4.79 -5.70 19.80
C LEU A 100 4.42 -7.17 19.71
N ASP A 101 5.39 -8.03 19.34
CA ASP A 101 5.15 -9.46 19.34
C ASP A 101 4.85 -9.96 20.76
N GLN A 102 5.71 -9.59 21.74
CA GLN A 102 5.48 -10.02 23.12
C GLN A 102 4.22 -9.38 23.68
N ALA A 103 4.04 -8.07 23.46
CA ALA A 103 2.89 -7.39 24.04
C ALA A 103 1.60 -7.80 23.33
N GLY A 104 1.67 -7.99 22.02
CA GLY A 104 0.48 -8.41 21.30
C GLY A 104 -0.03 -9.77 21.73
N ARG A 105 0.88 -10.73 21.95
CA ARG A 105 0.46 -12.06 22.37
C ARG A 105 -0.19 -12.06 23.74
N GLN A 106 0.05 -11.03 24.55
CA GLN A 106 -0.57 -10.90 25.86
C GLN A 106 -1.90 -10.16 25.81
N LYS A 107 -1.99 -9.13 24.97
CA LYS A 107 -3.17 -8.29 24.90
C LYS A 107 -4.27 -8.88 24.03
N LEU A 108 -3.92 -9.44 22.86
CA LEU A 108 -4.96 -9.92 21.94
C LEU A 108 -5.86 -10.99 22.58
N PRO A 109 -5.34 -12.04 23.26
CA PRO A 109 -6.26 -13.01 23.86
C PRO A 109 -7.19 -12.40 24.90
N ILE A 110 -6.76 -11.34 25.58
CA ILE A 110 -7.62 -10.67 26.55
C ILE A 110 -8.77 -9.96 25.82
N MET A 111 -8.46 -9.24 24.74
CA MET A 111 -9.51 -8.60 23.94
C MET A 111 -10.48 -9.64 23.38
N LEU A 112 -9.95 -10.70 22.78
CA LEU A 112 -10.80 -11.72 22.17
C LEU A 112 -11.69 -12.38 23.23
N LYS A 113 -11.12 -12.69 24.40
CA LYS A 113 -11.89 -13.32 25.46
C LYS A 113 -13.00 -12.40 25.95
N LYS A 114 -12.74 -11.09 25.98
CA LYS A 114 -13.75 -10.13 26.42
C LYS A 114 -14.89 -10.04 25.41
N HIS A 115 -14.56 -10.00 24.11
CA HIS A 115 -15.61 -10.00 23.09
C HIS A 115 -16.45 -11.27 23.16
N GLU A 116 -15.84 -12.39 23.55
CA GLU A 116 -16.61 -13.61 23.73
C GLU A 116 -17.58 -13.48 24.90
N GLU A 117 -17.11 -12.95 26.04
CA GLU A 117 -17.98 -12.82 27.20
C GLU A 117 -19.05 -11.74 26.99
N SER A 118 -18.72 -10.69 26.24
CA SER A 118 -19.63 -9.57 26.01
C SER A 118 -20.66 -9.85 24.92
N GLY A 119 -20.67 -11.05 24.35
CA GLY A 119 -21.64 -11.36 23.32
C GLY A 119 -21.32 -10.82 21.94
N THR A 120 -20.07 -10.44 21.68
CA THR A 120 -19.65 -9.96 20.35
C THR A 120 -18.43 -10.75 19.88
N PRO A 121 -18.52 -12.09 19.86
CA PRO A 121 -17.34 -12.90 19.56
C PRO A 121 -16.76 -12.57 18.18
N VAL A 122 -15.43 -12.61 18.10
CA VAL A 122 -14.75 -12.30 16.85
C VAL A 122 -14.92 -13.44 15.86
N SER A 123 -15.38 -13.12 14.65
CA SER A 123 -15.59 -14.11 13.61
C SER A 123 -14.32 -14.36 12.80
N CYS A 124 -13.54 -13.32 12.52
CA CYS A 124 -12.34 -13.48 11.72
C CYS A 124 -11.35 -12.40 12.14
N LEU A 125 -10.10 -12.81 12.34
CA LEU A 125 -9.00 -11.88 12.53
C LEU A 125 -8.32 -11.64 11.19
N ILE A 126 -7.94 -10.38 10.95
CA ILE A 126 -7.20 -10.03 9.75
C ILE A 126 -5.95 -9.27 10.19
N LEU A 127 -4.78 -9.84 9.93
CA LEU A 127 -3.52 -9.22 10.27
C LEU A 127 -2.79 -8.77 9.00
N ASN A 128 -1.60 -8.25 9.18
CA ASN A 128 -0.70 -7.83 8.11
C ASN A 128 0.65 -8.48 8.32
N PRO A 129 1.54 -8.45 7.32
CA PRO A 129 2.81 -9.20 7.42
C PRO A 129 3.69 -8.82 8.58
N LEU A 130 3.56 -7.62 9.16
CA LEU A 130 4.43 -7.24 10.27
C LEU A 130 3.85 -7.58 11.64
N VAL A 131 2.70 -8.24 11.70
CA VAL A 131 2.20 -8.74 12.98
C VAL A 131 1.77 -10.20 12.84
N PRO A 132 2.62 -11.09 12.32
CA PRO A 132 2.17 -12.47 12.04
C PRO A 132 1.83 -13.26 13.29
N TRP A 133 2.12 -12.74 14.48
CA TRP A 133 1.75 -13.42 15.72
C TRP A 133 0.24 -13.45 15.91
N VAL A 134 -0.50 -12.59 15.22
CA VAL A 134 -1.97 -12.64 15.30
C VAL A 134 -2.47 -14.00 14.81
N ALA A 135 -1.85 -14.53 13.75
CA ALA A 135 -2.27 -15.84 13.24
C ALA A 135 -1.98 -16.96 14.24
N ASP A 136 -0.91 -16.82 15.03
CA ASP A 136 -0.62 -17.82 16.05
C ASP A 136 -1.70 -17.84 17.13
N VAL A 137 -2.11 -16.66 17.61
CA VAL A 137 -3.17 -16.58 18.61
C VAL A 137 -4.51 -17.04 18.03
N ALA A 138 -4.77 -16.70 16.76
CA ALA A 138 -6.01 -17.12 16.11
C ALA A 138 -6.07 -18.63 15.97
N ASP A 139 -4.97 -19.26 15.56
CA ASP A 139 -4.94 -20.71 15.41
C ASP A 139 -5.20 -21.41 16.73
N SER A 140 -4.64 -20.88 17.83
CA SER A 140 -4.79 -21.55 19.12
C SER A 140 -6.22 -21.46 19.64
N LEU A 141 -6.98 -20.45 19.21
CA LEU A 141 -8.35 -20.26 19.65
C LEU A 141 -9.38 -20.73 18.63
N GLN A 142 -8.94 -21.41 17.57
CA GLN A 142 -9.83 -21.87 16.51
C GLN A 142 -10.62 -20.73 15.88
N ILE A 143 -9.98 -19.56 15.78
CA ILE A 143 -10.59 -18.37 15.19
C ILE A 143 -10.03 -18.20 13.79
N PRO A 144 -10.86 -18.16 12.75
CA PRO A 144 -10.34 -17.99 11.38
C PRO A 144 -9.58 -16.68 11.23
N CYS A 145 -8.45 -16.74 10.51
CA CYS A 145 -7.66 -15.54 10.27
C CYS A 145 -7.17 -15.51 8.83
N ALA A 146 -6.99 -14.28 8.34
CA ALA A 146 -6.47 -14.01 7.01
C ALA A 146 -5.47 -12.87 7.11
N THR A 147 -4.55 -12.82 6.16
CA THR A 147 -3.57 -11.75 6.12
C THR A 147 -3.80 -10.89 4.89
N LEU A 148 -3.49 -9.60 5.03
CA LEU A 148 -3.67 -8.61 3.96
C LEU A 148 -2.29 -8.25 3.44
N TRP A 149 -1.94 -8.81 2.28
CA TRP A 149 -0.69 -8.48 1.61
C TRP A 149 -0.89 -7.20 0.81
N VAL A 150 -0.11 -6.17 1.14
CA VAL A 150 -0.33 -4.83 0.63
C VAL A 150 0.73 -4.44 -0.41
N GLN A 151 1.48 -5.40 -0.92
CA GLN A 151 2.39 -5.20 -2.03
C GLN A 151 1.87 -6.00 -3.23
N SER A 152 2.62 -5.93 -4.33
CA SER A 152 2.22 -6.64 -5.53
C SER A 152 2.32 -8.14 -5.34
N CYS A 153 1.63 -8.88 -6.20
CA CYS A 153 1.79 -10.32 -6.21
C CYS A 153 3.20 -10.71 -6.66
N ALA A 154 3.78 -9.95 -7.60
CA ALA A 154 5.18 -10.17 -7.97
C ALA A 154 6.09 -10.12 -6.75
N SER A 155 5.86 -9.14 -5.86
CA SER A 155 6.71 -9.02 -4.68
C SER A 155 6.47 -10.19 -3.72
N PHE A 156 5.21 -10.60 -3.56
CA PHE A 156 4.91 -11.78 -2.75
C PHE A 156 5.67 -13.00 -3.27
N SER A 157 5.64 -13.22 -4.59
CA SER A 157 6.31 -14.39 -5.16
C SER A 157 7.82 -14.33 -4.92
N ALA A 158 8.40 -13.14 -5.00
CA ALA A 158 9.83 -12.98 -4.70
C ALA A 158 10.12 -13.40 -3.26
N TYR A 159 9.36 -12.87 -2.29
CA TYR A 159 9.64 -13.19 -0.90
C TYR A 159 9.34 -14.65 -0.59
N TYR A 160 8.27 -15.20 -1.18
CA TYR A 160 7.94 -16.60 -0.91
C TYR A 160 9.06 -17.52 -1.37
N HIS A 161 9.49 -17.36 -2.62
CA HIS A 161 10.54 -18.24 -3.15
C HIS A 161 11.88 -18.00 -2.46
N TYR A 162 12.16 -16.77 -2.01
CA TYR A 162 13.38 -16.53 -1.27
C TYR A 162 13.38 -17.26 0.07
N HIS A 163 12.31 -17.06 0.85
CA HIS A 163 12.23 -17.67 2.17
C HIS A 163 12.32 -19.19 2.10
N HIS A 164 11.74 -19.79 1.07
CA HIS A 164 11.76 -21.23 0.91
C HIS A 164 12.94 -21.74 0.10
N GLY A 165 13.83 -20.86 -0.35
CA GLY A 165 14.99 -21.29 -1.10
C GLY A 165 14.67 -22.06 -2.35
N LEU A 166 13.56 -21.74 -3.01
CA LEU A 166 13.14 -22.51 -4.17
C LEU A 166 13.87 -22.11 -5.44
N VAL A 167 14.53 -20.95 -5.45
CA VAL A 167 15.18 -20.42 -6.64
C VAL A 167 16.44 -19.66 -6.21
N PRO A 168 17.56 -19.83 -6.93
CA PRO A 168 18.78 -19.08 -6.56
C PRO A 168 18.57 -17.57 -6.65
N PHE A 169 18.91 -16.87 -5.57
CA PHE A 169 18.88 -15.42 -5.49
C PHE A 169 20.28 -14.86 -5.44
N PRO A 170 20.46 -13.56 -5.70
CA PRO A 170 21.78 -12.95 -5.56
C PRO A 170 22.31 -13.12 -4.14
N THR A 171 23.55 -13.58 -4.04
CA THR A 171 24.27 -13.75 -2.78
C THR A 171 25.53 -12.90 -2.82
N GLU A 172 26.27 -12.91 -1.70
CA GLU A 172 27.50 -12.15 -1.65
C GLU A 172 28.53 -12.67 -2.65
N SER A 173 28.47 -13.96 -3.00
CA SER A 173 29.40 -14.51 -3.98
C SER A 173 28.99 -14.16 -5.40
N GLU A 174 27.69 -14.23 -5.70
CA GLU A 174 27.16 -13.92 -7.03
C GLU A 174 26.12 -12.82 -6.87
N PRO A 175 26.56 -11.56 -6.76
CA PRO A 175 25.61 -10.48 -6.46
C PRO A 175 24.76 -10.06 -7.64
N GLU A 176 25.04 -10.55 -8.86
CA GLU A 176 24.44 -9.98 -10.05
C GLU A 176 23.76 -11.02 -10.94
N ILE A 177 23.39 -12.17 -10.39
CA ILE A 177 22.68 -13.17 -11.17
C ILE A 177 21.22 -12.78 -11.26
N ASP A 178 20.59 -13.16 -12.37
CA ASP A 178 19.18 -12.91 -12.56
C ASP A 178 18.36 -13.94 -11.79
N VAL A 179 17.07 -13.63 -11.60
CA VAL A 179 16.16 -14.51 -10.88
C VAL A 179 14.94 -14.75 -11.74
N GLN A 180 14.66 -16.02 -12.04
CA GLN A 180 13.50 -16.42 -12.81
C GLN A 180 12.50 -17.10 -11.86
N LEU A 181 11.36 -16.44 -11.63
CA LEU A 181 10.29 -16.90 -10.78
C LEU A 181 9.10 -17.35 -11.63
N PRO A 182 8.36 -18.37 -11.17
CA PRO A 182 7.28 -18.91 -11.99
C PRO A 182 6.19 -17.86 -12.24
N GLY A 183 5.76 -17.80 -13.50
CA GLY A 183 4.73 -16.86 -13.89
C GLY A 183 5.16 -15.40 -13.88
N MET A 184 6.46 -15.14 -13.80
CA MET A 184 7.02 -13.79 -13.75
C MET A 184 7.97 -13.56 -14.92
N PRO A 185 8.18 -12.30 -15.32
CA PRO A 185 9.28 -11.99 -16.23
C PRO A 185 10.62 -12.12 -15.50
N LEU A 186 11.68 -12.33 -16.28
CA LEU A 186 13.02 -12.42 -15.71
C LEU A 186 13.37 -11.12 -15.00
N LEU A 187 13.84 -11.24 -13.75
CA LEU A 187 14.25 -10.10 -12.95
C LEU A 187 15.77 -10.00 -12.92
N LYS A 188 16.30 -8.82 -13.21
CA LYS A 188 17.70 -8.52 -12.97
C LYS A 188 17.99 -8.50 -11.47
N TYR A 189 19.29 -8.52 -11.13
CA TYR A 189 19.69 -8.59 -9.72
C TYR A 189 19.18 -7.41 -8.92
N ASP A 190 19.13 -6.22 -9.53
CA ASP A 190 18.64 -5.03 -8.86
C ASP A 190 17.14 -4.80 -9.06
N GLU A 191 16.44 -5.75 -9.68
CA GLU A 191 15.00 -5.67 -9.83
C GLU A 191 14.26 -6.58 -8.86
N VAL A 192 14.96 -7.51 -8.22
CA VAL A 192 14.41 -8.20 -7.05
C VAL A 192 14.23 -7.18 -5.93
N PRO A 193 13.14 -7.24 -5.13
CA PRO A 193 13.00 -6.30 -4.00
C PRO A 193 14.27 -6.21 -3.17
N ASP A 194 14.95 -5.08 -3.25
CA ASP A 194 16.37 -5.09 -2.91
C ASP A 194 16.64 -5.20 -1.42
N TYR A 195 15.60 -5.15 -0.57
CA TYR A 195 15.78 -5.57 0.82
C TYR A 195 16.40 -6.96 0.91
N LEU A 196 16.15 -7.81 -0.09
CA LEU A 196 16.69 -9.16 -0.13
C LEU A 196 18.08 -9.24 -0.74
N HIS A 197 18.59 -8.14 -1.32
CA HIS A 197 19.91 -8.21 -1.91
C HIS A 197 20.98 -7.99 -0.83
N PRO A 198 22.13 -8.69 -0.93
CA PRO A 198 23.15 -8.57 0.13
C PRO A 198 23.69 -7.17 0.32
N ARG A 199 23.57 -6.30 -0.68
CA ARG A 199 24.12 -4.96 -0.59
C ARG A 199 23.18 -3.97 0.07
N THR A 200 21.99 -4.39 0.49
CA THR A 200 21.02 -3.42 0.98
C THR A 200 21.49 -2.80 2.29
N PRO A 201 21.26 -1.50 2.48
CA PRO A 201 21.48 -0.92 3.81
C PRO A 201 20.36 -1.24 4.79
N TYR A 202 19.24 -1.82 4.34
CA TYR A 202 18.11 -2.13 5.21
C TYR A 202 17.77 -3.62 5.17
N PRO A 203 18.70 -4.48 5.59
CA PRO A 203 18.37 -5.92 5.61
C PRO A 203 17.28 -6.25 6.61
N PHE A 204 17.15 -5.46 7.66
CA PHE A 204 16.10 -5.69 8.66
C PHE A 204 14.69 -5.52 8.09
N PHE A 205 14.51 -4.66 7.09
CA PHE A 205 13.19 -4.55 6.46
C PHE A 205 12.81 -5.82 5.72
N GLY A 206 13.80 -6.55 5.19
CA GLY A 206 13.50 -7.82 4.55
C GLY A 206 13.16 -8.91 5.55
N THR A 207 13.97 -9.03 6.60
CA THR A 207 13.70 -9.98 7.67
C THR A 207 12.31 -9.81 8.24
N ASN A 208 11.89 -8.55 8.46
CA ASN A 208 10.58 -8.28 9.02
C ASN A 208 9.48 -8.80 8.11
N ILE A 209 9.59 -8.51 6.80
CA ILE A 209 8.60 -9.02 5.84
C ILE A 209 8.67 -10.54 5.76
N LEU A 210 9.89 -11.11 5.83
CA LEU A 210 10.03 -12.56 5.76
C LEU A 210 9.40 -13.27 6.96
N GLY A 211 9.15 -12.55 8.06
CA GLY A 211 8.48 -13.16 9.19
C GLY A 211 7.06 -13.61 8.90
N GLN A 212 6.41 -13.02 7.89
CA GLN A 212 5.07 -13.43 7.50
C GLN A 212 5.05 -14.86 6.97
N PHE A 213 6.14 -15.30 6.35
CA PHE A 213 6.16 -16.57 5.63
C PHE A 213 6.50 -17.75 6.52
N LYS A 214 6.98 -17.51 7.74
CA LYS A 214 7.32 -18.60 8.65
C LYS A 214 6.08 -19.33 9.15
N ASN A 215 4.94 -18.66 9.23
CA ASN A 215 3.69 -19.27 9.66
C ASN A 215 2.54 -18.91 8.74
N LEU A 216 2.87 -18.59 7.47
CA LEU A 216 1.85 -18.18 6.50
C LEU A 216 0.73 -19.20 6.38
N SER A 217 1.04 -20.49 6.49
CA SER A 217 0.02 -21.50 6.26
C SER A 217 -1.05 -21.53 7.36
N LYS A 218 -0.98 -20.66 8.36
CA LYS A 218 -2.03 -20.59 9.36
C LYS A 218 -3.19 -19.69 8.92
N ASN A 219 -2.99 -18.89 7.87
CA ASN A 219 -4.06 -18.07 7.32
C ASN A 219 -4.78 -18.85 6.23
N PHE A 220 -6.10 -18.98 6.37
CA PHE A 220 -6.85 -19.68 5.34
C PHE A 220 -6.94 -18.87 4.06
N CYS A 221 -6.68 -17.56 4.12
CA CYS A 221 -6.79 -16.71 2.95
C CYS A 221 -5.74 -15.61 3.03
N ILE A 222 -5.19 -15.26 1.87
CA ILE A 222 -4.22 -14.18 1.75
C ILE A 222 -4.87 -13.11 0.89
N LEU A 223 -5.42 -12.08 1.52
CA LEU A 223 -6.01 -10.97 0.79
C LEU A 223 -4.92 -10.10 0.17
N MET A 224 -5.06 -9.78 -1.11
CA MET A 224 -4.06 -9.02 -1.85
C MET A 224 -4.63 -7.71 -2.35
N ASP A 225 -3.94 -6.61 -2.10
CA ASP A 225 -4.30 -5.32 -2.67
C ASP A 225 -3.73 -5.19 -4.09
N THR A 226 -4.22 -6.07 -4.97
CA THR A 226 -3.98 -6.01 -6.40
C THR A 226 -5.22 -6.58 -7.09
N PHE A 227 -5.21 -6.61 -8.43
CA PHE A 227 -6.34 -7.17 -9.15
C PHE A 227 -5.86 -8.10 -10.27
N TYR A 228 -6.75 -9.01 -10.66
CA TYR A 228 -6.33 -10.16 -11.45
C TYR A 228 -5.82 -9.73 -12.83
N GLU A 229 -6.52 -8.81 -13.50
CA GLU A 229 -6.09 -8.36 -14.82
C GLU A 229 -4.65 -7.84 -14.81
N LEU A 230 -4.22 -7.24 -13.70
CA LEU A 230 -2.91 -6.60 -13.64
C LEU A 230 -1.76 -7.61 -13.59
N GLU A 231 -1.90 -8.64 -12.76
CA GLU A 231 -0.83 -9.63 -12.59
C GLU A 231 -1.37 -11.04 -12.78
N HIS A 232 -2.14 -11.26 -13.85
CA HIS A 232 -2.84 -12.53 -13.99
C HIS A 232 -1.89 -13.70 -14.10
N GLU A 233 -0.74 -13.54 -14.76
CA GLU A 233 0.16 -14.67 -14.93
C GLU A 233 0.88 -15.01 -13.62
N THR A 234 1.24 -14.00 -12.82
CA THR A 234 1.85 -14.28 -11.53
C THR A 234 0.84 -14.88 -10.56
N ILE A 235 -0.38 -14.34 -10.56
CA ILE A 235 -1.43 -14.83 -9.67
C ILE A 235 -1.77 -16.29 -9.98
N ASP A 236 -1.83 -16.65 -11.27
CA ASP A 236 -2.10 -18.03 -11.64
C ASP A 236 -1.05 -18.98 -11.08
N SER A 237 0.21 -18.56 -11.07
CA SER A 237 1.26 -19.45 -10.59
C SER A 237 1.26 -19.54 -9.07
N ILE A 238 0.91 -18.46 -8.38
CA ILE A 238 0.94 -18.44 -6.92
C ILE A 238 -0.29 -19.14 -6.33
N THR A 239 -1.46 -18.99 -6.97
CA THR A 239 -2.68 -19.61 -6.41
C THR A 239 -2.54 -21.12 -6.30
N LYS A 240 -1.72 -21.74 -7.15
CA LYS A 240 -1.53 -23.18 -7.05
C LYS A 240 -0.81 -23.59 -5.76
N ILE A 241 -0.18 -22.63 -5.08
CA ILE A 241 0.59 -22.89 -3.87
C ILE A 241 -0.06 -22.28 -2.64
N CYS A 242 -0.61 -21.08 -2.77
CA CYS A 242 -1.10 -20.32 -1.64
C CYS A 242 -2.53 -19.85 -1.88
N PRO A 243 -3.32 -19.69 -0.80
CA PRO A 243 -4.73 -19.27 -0.94
C PRO A 243 -4.87 -17.76 -1.06
N ILE A 244 -4.27 -17.19 -2.10
CA ILE A 244 -4.33 -15.74 -2.30
C ILE A 244 -5.62 -15.38 -3.03
N LYS A 245 -6.14 -14.18 -2.71
CA LYS A 245 -7.34 -13.66 -3.35
C LYS A 245 -7.19 -12.17 -3.59
N PRO A 246 -6.96 -11.75 -4.84
CA PRO A 246 -6.85 -10.32 -5.13
C PRO A 246 -8.19 -9.62 -4.89
N ILE A 247 -8.14 -8.51 -4.15
CA ILE A 247 -9.35 -7.76 -3.83
C ILE A 247 -9.15 -6.27 -4.08
N GLY A 248 -8.01 -5.90 -4.67
CA GLY A 248 -7.69 -4.52 -4.90
C GLY A 248 -8.12 -4.01 -6.27
N PRO A 249 -7.87 -2.73 -6.56
CA PRO A 249 -7.28 -1.69 -5.69
C PRO A 249 -8.21 -1.29 -4.55
N LEU A 250 -7.70 -1.34 -3.31
CA LEU A 250 -8.55 -1.03 -2.16
C LEU A 250 -9.09 0.39 -2.19
N PHE A 251 -8.31 1.34 -2.71
CA PHE A 251 -8.75 2.73 -2.70
C PHE A 251 -9.85 3.00 -3.73
N LYS A 252 -10.03 2.11 -4.70
CA LYS A 252 -11.05 2.30 -5.72
C LYS A 252 -12.37 1.61 -5.40
N ILE A 253 -12.46 0.92 -4.26
CA ILE A 253 -13.76 0.36 -3.87
C ILE A 253 -14.73 1.50 -3.60
N PRO A 254 -16.00 1.40 -4.02
CA PRO A 254 -16.96 2.49 -3.78
C PRO A 254 -17.00 2.94 -2.32
N LYS A 255 -16.80 4.24 -2.12
CA LYS A 255 -16.75 4.82 -0.78
C LYS A 255 -18.15 5.14 -0.27
N ASP A 256 -18.47 4.67 0.92
CA ASP A 256 -19.78 4.96 1.53
C ASP A 256 -19.70 6.30 2.25
N PRO A 257 -20.64 7.22 1.98
CA PRO A 257 -20.55 8.56 2.60
C PRO A 257 -20.62 8.55 4.12
N SER A 258 -21.35 7.60 4.73
CA SER A 258 -21.45 7.52 6.17
C SER A 258 -20.17 7.03 6.84
N SER A 259 -19.15 6.65 6.05
CA SER A 259 -17.86 6.25 6.59
C SER A 259 -16.71 7.04 6.00
N ASN A 260 -16.98 8.06 5.18
CA ASN A 260 -15.90 8.82 4.56
C ASN A 260 -15.29 9.85 5.51
N GLY A 261 -15.93 10.10 6.66
CA GLY A 261 -15.34 11.01 7.63
C GLY A 261 -14.09 10.46 8.30
N ILE A 262 -13.99 9.14 8.44
CA ILE A 262 -12.82 8.52 9.03
C ILE A 262 -11.68 8.54 8.03
N THR A 263 -10.49 8.88 8.50
CA THR A 263 -9.31 8.88 7.66
C THR A 263 -8.15 8.21 8.40
N GLY A 264 -7.28 7.56 7.64
CA GLY A 264 -6.06 7.00 8.16
C GLY A 264 -4.83 7.79 7.82
N ASN A 265 -4.97 8.92 7.13
CA ASN A 265 -3.86 9.81 6.83
C ASN A 265 -3.67 10.77 7.99
N PHE A 266 -2.44 10.90 8.46
CA PHE A 266 -2.14 11.69 9.64
C PHE A 266 -1.59 13.08 9.34
N MET A 267 -1.20 13.34 8.09
CA MET A 267 -0.54 14.59 7.71
C MET A 267 -1.53 15.54 7.05
N LYS A 268 -1.26 16.84 7.20
CA LYS A 268 -2.13 17.86 6.62
C LYS A 268 -2.03 17.83 5.09
N VAL A 269 -3.15 18.15 4.45
CA VAL A 269 -3.27 18.06 2.99
C VAL A 269 -3.38 19.46 2.43
N ASP A 270 -2.39 19.85 1.62
CA ASP A 270 -2.45 21.12 0.90
C ASP A 270 -3.48 21.03 -0.22
N ASP A 271 -4.11 22.17 -0.52
CA ASP A 271 -5.17 22.22 -1.52
C ASP A 271 -4.56 22.43 -2.90
N CYS A 272 -4.70 21.43 -3.76
CA CYS A 272 -4.23 21.49 -5.13
C CYS A 272 -5.36 21.67 -6.14
N LYS A 273 -6.60 21.39 -5.75
CA LYS A 273 -7.71 21.43 -6.70
C LYS A 273 -7.86 22.83 -7.32
N GLU A 274 -7.74 23.87 -6.50
CA GLU A 274 -7.97 25.22 -7.00
C GLU A 274 -6.99 25.58 -8.10
N TRP A 275 -5.70 25.30 -7.89
CA TRP A 275 -4.70 25.62 -8.90
C TRP A 275 -4.80 24.70 -10.11
N LEU A 276 -5.08 23.42 -9.89
CA LEU A 276 -5.21 22.50 -11.02
C LEU A 276 -6.37 22.90 -11.92
N ASP A 277 -7.45 23.45 -11.36
CA ASP A 277 -8.59 23.83 -12.19
C ASP A 277 -8.25 24.93 -13.19
N THR A 278 -7.20 25.71 -12.94
CA THR A 278 -6.82 26.78 -13.84
C THR A 278 -5.92 26.32 -14.97
N ARG A 279 -5.47 25.06 -14.94
CA ARG A 279 -4.53 24.46 -15.88
C ARG A 279 -5.26 23.81 -17.05
N PRO A 280 -4.71 23.95 -18.26
CA PRO A 280 -5.29 23.26 -19.43
C PRO A 280 -5.12 21.75 -19.29
N PRO A 281 -5.98 20.96 -19.92
CA PRO A 281 -6.00 19.52 -19.64
C PRO A 281 -4.75 18.81 -20.12
N SER A 282 -4.32 17.82 -19.32
CA SER A 282 -3.21 16.93 -19.65
C SER A 282 -1.91 17.69 -19.89
N THR A 283 -1.54 18.53 -18.90
CA THR A 283 -0.33 19.35 -19.00
C THR A 283 0.57 19.31 -17.78
N VAL A 284 0.07 18.94 -16.60
CA VAL A 284 0.83 19.04 -15.35
C VAL A 284 1.49 17.70 -15.05
N VAL A 285 2.79 17.74 -14.75
CA VAL A 285 3.53 16.55 -14.33
C VAL A 285 3.57 16.56 -12.80
N TYR A 286 2.92 15.57 -12.18
CA TYR A 286 2.87 15.44 -10.73
C TYR A 286 4.10 14.67 -10.26
N VAL A 287 4.84 15.23 -9.31
CA VAL A 287 6.11 14.69 -8.86
C VAL A 287 6.06 14.48 -7.35
N SER A 288 6.26 13.24 -6.91
CA SER A 288 6.17 12.91 -5.49
C SER A 288 6.95 11.63 -5.21
N VAL A 289 7.74 11.63 -4.14
CA VAL A 289 8.43 10.44 -3.68
C VAL A 289 7.84 9.91 -2.37
N GLY A 290 6.64 10.35 -1.99
CA GLY A 290 6.04 9.94 -0.74
C GLY A 290 6.69 10.61 0.46
N SER A 291 6.38 10.07 1.64
CA SER A 291 6.91 10.62 2.88
C SER A 291 8.14 9.88 3.39
N VAL A 292 8.30 8.60 3.07
CA VAL A 292 9.40 7.82 3.62
C VAL A 292 10.71 8.11 2.91
N VAL A 293 10.66 8.52 1.64
CA VAL A 293 11.88 8.77 0.89
C VAL A 293 12.47 10.12 1.30
N TYR A 294 13.74 10.13 1.69
CA TYR A 294 14.45 11.35 2.05
C TYR A 294 15.53 11.58 0.99
N LEU A 295 15.33 12.58 0.15
CA LEU A 295 16.24 12.88 -0.95
C LEU A 295 17.34 13.84 -0.50
N LYS A 296 18.56 13.58 -0.96
CA LYS A 296 19.67 14.47 -0.68
C LYS A 296 19.49 15.79 -1.43
N GLN A 297 20.12 16.84 -0.90
CA GLN A 297 20.05 18.16 -1.52
C GLN A 297 20.57 18.14 -2.96
N GLU A 298 21.67 17.42 -3.20
CA GLU A 298 22.25 17.43 -4.53
C GLU A 298 21.31 16.78 -5.55
N GLN A 299 20.55 15.77 -5.13
CA GLN A 299 19.57 15.19 -6.04
C GLN A 299 18.39 16.13 -6.24
N VAL A 300 17.99 16.86 -5.20
CA VAL A 300 16.88 17.80 -5.34
C VAL A 300 17.24 18.90 -6.33
N THR A 301 18.48 19.38 -6.29
CA THR A 301 18.91 20.46 -7.18
C THR A 301 18.79 20.03 -8.64
N GLU A 302 19.30 18.85 -8.98
CA GLU A 302 19.19 18.36 -10.35
C GLU A 302 17.75 18.16 -10.77
N MET A 303 16.89 17.73 -9.84
CA MET A 303 15.47 17.64 -10.17
C MET A 303 14.90 19.00 -10.51
N ALA A 304 15.21 20.02 -9.71
CA ALA A 304 14.70 21.36 -9.97
C ALA A 304 15.15 21.88 -11.33
N TYR A 305 16.43 21.68 -11.68
CA TYR A 305 16.93 22.17 -12.96
C TYR A 305 16.36 21.36 -14.12
N GLY A 306 16.19 20.05 -13.93
CA GLY A 306 15.54 19.25 -14.96
C GLY A 306 14.12 19.69 -15.21
N ILE A 307 13.35 19.90 -14.13
CA ILE A 307 12.00 20.42 -14.25
C ILE A 307 12.01 21.77 -14.97
N LEU A 308 12.95 22.65 -14.58
CA LEU A 308 13.01 23.98 -15.15
C LEU A 308 13.39 23.94 -16.63
N ASN A 309 14.39 23.12 -16.98
CA ASN A 309 14.83 23.08 -18.37
C ASN A 309 13.82 22.38 -19.26
N SER A 310 13.02 21.46 -18.70
CA SER A 310 12.02 20.76 -19.50
C SER A 310 10.86 21.65 -19.87
N GLU A 311 10.65 22.75 -19.15
CA GLU A 311 9.58 23.73 -19.38
C GLU A 311 8.19 23.18 -19.14
N VAL A 312 8.07 21.95 -18.60
CA VAL A 312 6.74 21.37 -18.38
C VAL A 312 6.07 22.06 -17.19
N SER A 313 4.74 22.01 -17.19
CA SER A 313 3.98 22.38 -16.01
C SER A 313 4.06 21.26 -14.99
N PHE A 314 4.04 21.61 -13.70
CA PHE A 314 4.34 20.62 -12.68
C PHE A 314 3.64 20.93 -11.37
N LEU A 315 3.43 19.89 -10.58
CA LEU A 315 2.96 19.98 -9.20
C LEU A 315 3.87 19.09 -8.35
N TRP A 316 4.79 19.71 -7.62
CA TRP A 316 5.89 19.01 -6.97
C TRP A 316 5.60 18.87 -5.48
N VAL A 317 5.57 17.63 -4.99
CA VAL A 317 5.45 17.34 -3.57
C VAL A 317 6.86 17.19 -3.01
N LEU A 318 7.33 18.22 -2.31
CA LEU A 318 8.68 18.29 -1.77
C LEU A 318 8.55 18.40 -0.25
N ARG A 319 8.44 17.25 0.41
CA ARG A 319 8.23 17.23 1.86
C ARG A 319 9.57 17.14 2.57
N PRO A 320 9.96 18.13 3.35
CA PRO A 320 11.25 18.06 4.06
C PRO A 320 11.07 17.39 5.41
N PRO A 321 12.18 16.98 6.06
CA PRO A 321 12.09 16.40 7.40
C PRO A 321 11.99 17.49 8.46
N SER A 322 10.93 17.43 9.26
CA SER A 322 10.65 18.37 10.36
C SER A 322 10.56 19.83 9.92
N PRO A 329 18.57 22.43 3.50
CA PRO A 329 17.75 21.41 2.84
C PRO A 329 16.26 21.56 3.15
N HIS A 330 15.44 21.70 2.10
CA HIS A 330 15.84 21.65 0.70
C HIS A 330 15.66 22.99 0.03
N VAL A 331 16.76 23.57 -0.45
CA VAL A 331 16.73 24.87 -1.10
C VAL A 331 16.72 24.67 -2.61
N LEU A 332 15.83 25.35 -3.27
CA LEU A 332 15.74 25.27 -4.72
C LEU A 332 16.46 26.44 -5.36
N PRO A 333 16.93 26.29 -6.60
CA PRO A 333 17.65 27.40 -7.24
C PRO A 333 16.79 28.63 -7.34
N GLU A 334 17.44 29.79 -7.40
CA GLU A 334 16.71 31.04 -7.52
C GLU A 334 16.01 31.14 -8.87
N GLU A 335 16.66 30.69 -9.95
CA GLU A 335 16.04 30.72 -11.27
C GLU A 335 14.77 29.88 -11.31
N PHE A 336 14.70 28.85 -10.47
CA PHE A 336 13.50 28.00 -10.42
C PHE A 336 12.27 28.82 -10.06
N TRP A 337 12.35 29.62 -9.01
CA TRP A 337 11.18 30.35 -8.53
C TRP A 337 10.79 31.51 -9.45
N GLU A 338 11.72 32.02 -10.25
CA GLU A 338 11.37 33.03 -11.24
C GLU A 338 10.43 32.47 -12.29
N LYS A 339 10.65 31.22 -12.70
CA LYS A 339 9.82 30.57 -13.70
C LYS A 339 8.69 29.74 -13.11
N ALA A 340 8.78 29.38 -11.83
CA ALA A 340 7.75 28.56 -11.20
C ALA A 340 6.43 29.30 -11.03
N GLY A 341 6.44 30.64 -11.10
CA GLY A 341 5.22 31.38 -10.88
C GLY A 341 4.16 31.10 -11.91
N ASP A 342 4.57 30.81 -13.15
CA ASP A 342 3.63 30.53 -14.22
C ASP A 342 3.48 29.06 -14.54
N ARG A 343 4.48 28.24 -14.21
CA ARG A 343 4.49 26.86 -14.70
C ARG A 343 4.11 25.83 -13.64
N GLY A 344 4.44 26.04 -12.37
CA GLY A 344 4.34 24.99 -11.39
C GLY A 344 3.83 25.45 -10.05
N LYS A 345 3.66 24.48 -9.16
CA LYS A 345 3.23 24.69 -7.79
C LYS A 345 3.99 23.68 -6.93
N VAL A 346 4.52 24.14 -5.79
CA VAL A 346 5.27 23.27 -4.89
C VAL A 346 4.56 23.23 -3.55
N VAL A 347 4.28 22.02 -3.06
CA VAL A 347 3.57 21.80 -1.81
C VAL A 347 4.34 20.77 -0.98
N GLN A 348 3.81 20.49 0.23
CA GLN A 348 4.42 19.54 1.14
C GLN A 348 3.67 18.22 1.23
N TRP A 349 2.37 18.22 0.98
CA TRP A 349 1.59 16.98 0.99
C TRP A 349 0.34 17.22 0.16
N SER A 350 0.19 16.48 -0.91
CA SER A 350 -0.93 16.70 -1.81
C SER A 350 -2.00 15.63 -1.61
N PRO A 351 -3.24 15.89 -2.01
CA PRO A 351 -4.25 14.84 -2.08
C PRO A 351 -4.06 14.00 -3.33
N GLN A 352 -3.27 12.93 -3.22
CA GLN A 352 -2.73 12.28 -4.40
C GLN A 352 -3.83 11.66 -5.26
N GLU A 353 -4.80 10.98 -4.64
CA GLU A 353 -5.89 10.38 -5.43
C GLU A 353 -6.65 11.44 -6.21
N GLN A 354 -6.96 12.56 -5.54
CA GLN A 354 -7.66 13.65 -6.22
C GLN A 354 -6.79 14.25 -7.33
N VAL A 355 -5.48 14.35 -7.09
CA VAL A 355 -4.57 14.91 -8.10
C VAL A 355 -4.48 13.99 -9.32
N LEU A 356 -4.31 12.69 -9.09
CA LEU A 356 -4.18 11.76 -10.21
C LEU A 356 -5.47 11.66 -11.04
N ALA A 357 -6.62 11.99 -10.44
CA ALA A 357 -7.89 11.96 -11.16
C ALA A 357 -8.22 13.27 -11.85
N HIS A 358 -7.40 14.32 -11.68
CA HIS A 358 -7.75 15.62 -12.26
C HIS A 358 -7.43 15.63 -13.76
N PRO A 359 -8.30 16.23 -14.59
CA PRO A 359 -8.03 16.24 -16.03
C PRO A 359 -6.81 17.05 -16.43
N ALA A 360 -6.29 17.91 -15.56
CA ALA A 360 -5.08 18.64 -15.90
C ALA A 360 -3.82 17.78 -15.76
N THR A 361 -3.88 16.71 -14.97
CA THR A 361 -2.72 15.88 -14.74
C THR A 361 -2.35 15.10 -16.00
N ALA A 362 -1.06 15.09 -16.32
CA ALA A 362 -0.53 14.46 -17.52
C ALA A 362 0.33 13.24 -17.24
N ALA A 363 1.10 13.25 -16.15
CA ALA A 363 2.01 12.16 -15.84
C ALA A 363 2.36 12.23 -14.36
N PHE A 364 3.00 11.18 -13.87
CA PHE A 364 3.31 11.02 -12.45
C PHE A 364 4.77 10.57 -12.33
N LEU A 365 5.65 11.48 -11.93
CA LEU A 365 7.01 11.11 -11.56
C LEU A 365 6.97 10.57 -10.14
N THR A 366 7.22 9.28 -9.97
CA THR A 366 6.94 8.61 -8.70
C THR A 366 8.10 7.72 -8.29
N HIS A 367 8.18 7.46 -6.98
CA HIS A 367 9.16 6.53 -6.45
C HIS A 367 8.71 5.08 -6.56
N CYS A 368 7.49 4.83 -7.07
CA CYS A 368 7.03 3.48 -7.41
C CYS A 368 6.77 2.61 -6.18
N GLY A 369 6.27 3.22 -5.10
CA GLY A 369 5.63 2.43 -4.07
C GLY A 369 4.37 1.78 -4.62
N TRP A 370 3.93 0.69 -3.99
CA TRP A 370 2.83 -0.07 -4.58
C TRP A 370 1.52 0.69 -4.55
N ASN A 371 1.25 1.47 -3.50
CA ASN A 371 0.04 2.29 -3.49
C ASN A 371 0.06 3.29 -4.64
N SER A 372 1.18 4.01 -4.81
CA SER A 372 1.28 4.96 -5.92
C SER A 372 1.24 4.25 -7.26
N THR A 373 1.89 3.09 -7.37
CA THR A 373 1.85 2.31 -8.61
C THR A 373 0.41 1.94 -8.99
N GLN A 374 -0.37 1.49 -8.00
CA GLN A 374 -1.75 1.12 -8.28
C GLN A 374 -2.61 2.35 -8.54
N GLU A 375 -2.36 3.45 -7.83
CA GLU A 375 -3.16 4.65 -8.05
C GLU A 375 -2.93 5.23 -9.43
N ALA A 376 -1.69 5.17 -9.93
CA ALA A 376 -1.43 5.66 -11.28
C ALA A 376 -2.08 4.76 -12.31
N ILE A 377 -2.00 3.44 -12.11
CA ILE A 377 -2.65 2.48 -13.00
C ILE A 377 -4.16 2.71 -13.04
N SER A 378 -4.76 2.88 -11.85
CA SER A 378 -6.21 3.01 -11.75
C SER A 378 -6.72 4.35 -12.25
N SER A 379 -5.84 5.35 -12.37
CA SER A 379 -6.24 6.69 -12.81
C SER A 379 -5.99 6.94 -14.28
N GLY A 380 -5.33 6.01 -14.97
CA GLY A 380 -4.95 6.25 -16.36
C GLY A 380 -3.88 7.30 -16.53
N VAL A 381 -2.92 7.39 -15.61
CA VAL A 381 -1.88 8.41 -15.62
C VAL A 381 -0.53 7.75 -15.86
N PRO A 382 0.15 8.05 -16.95
CA PRO A 382 1.49 7.47 -17.18
C PRO A 382 2.52 8.01 -16.19
N VAL A 383 3.62 7.25 -16.07
CA VAL A 383 4.57 7.49 -14.99
C VAL A 383 5.99 7.63 -15.52
N ILE A 384 6.81 8.35 -14.76
CA ILE A 384 8.27 8.32 -14.86
C ILE A 384 8.77 7.60 -13.61
N THR A 385 9.45 6.47 -13.78
CA THR A 385 9.81 5.64 -12.64
C THR A 385 11.08 6.16 -11.99
N PHE A 386 11.00 6.46 -10.70
CA PHE A 386 12.14 6.97 -9.92
C PHE A 386 12.27 6.17 -8.63
N PRO A 387 12.49 4.87 -8.72
CA PRO A 387 12.49 4.02 -7.52
C PRO A 387 13.67 4.34 -6.62
N GLN A 388 13.48 4.06 -5.33
CA GLN A 388 14.54 4.23 -4.34
C GLN A 388 15.02 2.91 -3.76
N PHE A 389 14.15 2.11 -3.16
CA PHE A 389 14.56 0.91 -2.45
C PHE A 389 13.38 -0.02 -2.29
N GLY A 390 13.66 -1.26 -1.88
CA GLY A 390 12.60 -2.20 -1.55
C GLY A 390 11.89 -2.74 -2.79
N ASP A 391 10.57 -2.93 -2.68
CA ASP A 391 9.80 -3.41 -3.80
C ASP A 391 9.59 -2.35 -4.88
N GLN A 392 10.01 -1.11 -4.63
CA GLN A 392 9.87 -0.06 -5.63
C GLN A 392 10.59 -0.43 -6.93
N VAL A 393 11.82 -0.96 -6.82
CA VAL A 393 12.56 -1.32 -8.03
C VAL A 393 11.82 -2.39 -8.82
N THR A 394 11.05 -3.24 -8.14
CA THR A 394 10.22 -4.22 -8.81
C THR A 394 9.03 -3.54 -9.50
N ASN A 395 8.29 -2.73 -8.74
CA ASN A 395 7.18 -2.01 -9.33
C ASN A 395 7.62 -1.17 -10.53
N ALA A 396 8.84 -0.59 -10.47
CA ALA A 396 9.33 0.21 -11.58
C ALA A 396 9.58 -0.65 -12.82
N LYS A 397 10.10 -1.86 -12.64
CA LYS A 397 10.30 -2.74 -13.79
C LYS A 397 8.97 -3.11 -14.43
N PHE A 398 7.94 -3.35 -13.63
CA PHE A 398 6.64 -3.69 -14.20
C PHE A 398 6.00 -2.48 -14.87
N LEU A 399 6.07 -1.30 -14.24
CA LEU A 399 5.44 -0.11 -14.82
C LEU A 399 5.95 0.16 -16.23
N VAL A 400 7.26 -0.03 -16.45
CA VAL A 400 7.85 0.34 -17.73
C VAL A 400 7.81 -0.81 -18.74
N GLU A 401 8.08 -2.05 -18.30
CA GLU A 401 8.27 -3.15 -19.23
C GLU A 401 7.06 -4.06 -19.35
N GLU A 402 6.24 -4.19 -18.30
CA GLU A 402 5.10 -5.09 -18.31
C GLU A 402 3.77 -4.35 -18.50
N PHE A 403 3.44 -3.43 -17.59
CA PHE A 403 2.23 -2.64 -17.75
C PHE A 403 2.35 -1.69 -18.93
N LYS A 404 3.59 -1.30 -19.28
CA LYS A 404 3.89 -0.44 -20.43
C LYS A 404 3.19 0.92 -20.33
N VAL A 405 3.30 1.56 -19.16
CA VAL A 405 2.69 2.87 -18.95
C VAL A 405 3.73 3.88 -18.48
N GLY A 406 5.01 3.56 -18.62
CA GLY A 406 6.03 4.33 -17.92
C GLY A 406 7.25 4.64 -18.78
N VAL A 407 8.06 5.54 -18.23
CA VAL A 407 9.37 5.89 -18.77
C VAL A 407 10.35 5.83 -17.61
N ARG A 408 11.49 5.16 -17.81
CA ARG A 408 12.42 4.96 -16.71
C ARG A 408 13.32 6.17 -16.52
N LEU A 409 13.51 6.56 -15.26
CA LEU A 409 14.48 7.58 -14.88
C LEU A 409 15.68 6.99 -14.16
N SER A 410 15.47 6.10 -13.19
CA SER A 410 16.57 5.51 -12.44
C SER A 410 16.25 4.07 -12.09
N ARG A 411 17.23 3.38 -11.50
CA ARG A 411 17.09 1.97 -11.14
C ARG A 411 17.19 1.74 -9.64
N GLY A 412 17.07 2.79 -8.83
CA GLY A 412 17.12 2.66 -7.39
C GLY A 412 18.42 3.20 -6.82
N GLU A 413 18.38 3.48 -5.51
CA GLU A 413 19.51 4.15 -4.88
C GLU A 413 20.74 3.25 -4.78
N LEU A 414 20.57 1.92 -4.85
CA LEU A 414 21.73 1.03 -4.85
C LEU A 414 22.61 1.24 -6.07
N GLU A 415 22.09 1.87 -7.13
CA GLU A 415 22.94 2.25 -8.25
C GLU A 415 23.99 3.26 -7.83
N ASN A 416 23.74 4.01 -6.76
CA ASN A 416 24.72 4.92 -6.15
C ASN A 416 25.24 5.94 -7.15
N ARG A 417 24.30 6.74 -7.68
CA ARG A 417 24.68 7.87 -8.52
C ARG A 417 23.56 8.89 -8.51
N ILE A 418 23.92 10.15 -8.71
CA ILE A 418 22.95 11.24 -8.78
C ILE A 418 22.35 11.26 -10.18
N ILE A 419 21.03 11.29 -10.27
CA ILE A 419 20.36 11.43 -11.56
C ILE A 419 20.50 12.89 -12.00
N THR A 420 21.18 13.11 -13.12
CA THR A 420 21.48 14.47 -13.54
C THR A 420 20.23 15.16 -14.07
N ARG A 421 20.34 16.48 -14.18
CA ARG A 421 19.24 17.30 -14.69
C ARG A 421 18.95 17.01 -16.16
N ASP A 422 19.93 16.53 -16.91
CA ASP A 422 19.68 16.17 -18.29
C ASP A 422 18.83 14.92 -18.38
N GLU A 423 19.07 13.97 -17.49
CA GLU A 423 18.23 12.78 -17.45
C GLU A 423 16.81 13.13 -17.00
N VAL A 424 16.68 14.06 -16.05
CA VAL A 424 15.35 14.48 -15.62
C VAL A 424 14.62 15.21 -16.75
N GLU A 425 15.35 16.05 -17.50
CA GLU A 425 14.72 16.79 -18.59
C GLU A 425 14.28 15.86 -19.71
N ARG A 426 15.12 14.90 -20.08
CA ARG A 426 14.76 13.98 -21.16
C ARG A 426 13.53 13.16 -20.80
N ALA A 427 13.48 12.61 -19.58
CA ALA A 427 12.33 11.83 -19.17
C ALA A 427 11.07 12.68 -19.12
N LEU A 428 11.18 13.93 -18.66
CA LEU A 428 10.00 14.79 -18.58
C LEU A 428 9.46 15.10 -19.98
N ARG A 429 10.35 15.42 -20.93
CA ARG A 429 9.91 15.70 -22.28
C ARG A 429 9.39 14.45 -22.98
N GLU A 430 9.89 13.28 -22.60
CA GLU A 430 9.45 12.05 -23.26
C GLU A 430 8.04 11.65 -22.84
N ILE A 431 7.64 11.93 -21.60
CA ILE A 431 6.32 11.53 -21.11
C ILE A 431 5.23 12.53 -21.47
N THR A 432 5.60 13.69 -22.01
CA THR A 432 4.63 14.76 -22.28
C THR A 432 4.39 15.02 -23.75
N SER A 433 5.25 14.51 -24.64
CA SER A 433 5.00 14.63 -26.07
C SER A 433 5.83 13.58 -26.80
N GLY A 434 5.57 13.45 -28.09
CA GLY A 434 6.26 12.46 -28.90
C GLY A 434 5.55 11.13 -28.88
N PRO A 435 6.11 10.14 -29.61
CA PRO A 435 5.38 8.87 -29.79
C PRO A 435 5.28 8.06 -28.53
N LYS A 436 6.31 8.04 -27.69
CA LYS A 436 6.23 7.28 -26.45
C LYS A 436 5.13 7.83 -25.54
N ALA A 437 4.93 9.15 -25.53
CA ALA A 437 3.91 9.74 -24.66
C ALA A 437 2.52 9.27 -25.07
N GLU A 438 2.25 9.16 -26.38
CA GLU A 438 0.95 8.68 -26.83
C GLU A 438 0.74 7.22 -26.47
N GLU A 439 1.80 6.41 -26.58
CA GLU A 439 1.67 4.99 -26.31
C GLU A 439 1.37 4.71 -24.85
N VAL A 440 2.15 5.31 -23.93
CA VAL A 440 1.94 5.02 -22.52
C VAL A 440 0.63 5.61 -22.03
N LYS A 441 0.20 6.72 -22.63
CA LYS A 441 -1.09 7.28 -22.25
C LYS A 441 -2.23 6.35 -22.66
N GLU A 442 -2.17 5.80 -23.88
CA GLU A 442 -3.21 4.88 -24.33
C GLU A 442 -3.24 3.62 -23.48
N ASN A 443 -2.07 3.07 -23.15
CA ASN A 443 -2.05 1.88 -22.29
C ASN A 443 -2.60 2.20 -20.91
N ALA A 444 -2.31 3.40 -20.40
CA ALA A 444 -2.78 3.75 -19.06
C ALA A 444 -4.29 3.88 -19.02
N LEU A 445 -4.91 4.33 -20.11
CA LEU A 445 -6.37 4.41 -20.13
C LEU A 445 -7.00 3.02 -20.22
N LYS A 446 -6.29 2.03 -20.75
CA LYS A 446 -6.84 0.68 -20.73
C LYS A 446 -6.72 0.05 -19.36
N TRP A 447 -5.70 0.42 -18.58
CA TRP A 447 -5.61 -0.07 -17.20
C TRP A 447 -6.60 0.62 -16.29
N LYS A 448 -6.89 1.90 -16.53
CA LYS A 448 -7.92 2.59 -15.77
C LYS A 448 -9.26 1.89 -15.90
N LYS A 449 -9.63 1.51 -17.13
CA LYS A 449 -10.89 0.81 -17.35
C LYS A 449 -10.90 -0.54 -16.65
N ALA A 450 -9.83 -1.31 -16.80
CA ALA A 450 -9.76 -2.62 -16.15
C ALA A 450 -9.84 -2.50 -14.63
N ALA A 451 -9.24 -1.44 -14.06
CA ALA A 451 -9.30 -1.28 -12.61
C ALA A 451 -10.71 -0.93 -12.16
N GLU A 452 -11.41 -0.08 -12.92
CA GLU A 452 -12.76 0.31 -12.53
C GLU A 452 -13.75 -0.84 -12.62
N GLU A 453 -13.49 -1.83 -13.47
CA GLU A 453 -14.38 -2.98 -13.61
C GLU A 453 -14.16 -4.04 -12.53
N THR A 454 -12.91 -4.26 -12.11
CA THR A 454 -12.64 -5.32 -11.16
C THR A 454 -13.27 -5.02 -9.79
N VAL A 455 -13.46 -3.74 -9.46
CA VAL A 455 -14.08 -3.38 -8.19
C VAL A 455 -15.59 -3.19 -8.31
N ALA A 456 -16.10 -3.04 -9.54
CA ALA A 456 -17.53 -2.91 -9.75
C ALA A 456 -18.23 -4.24 -9.54
N LYS A 457 -19.54 -4.18 -9.33
CA LYS A 457 -20.34 -5.40 -9.15
C LYS A 457 -20.07 -6.38 -10.27
N GLY A 458 -19.67 -7.59 -9.92
CA GLY A 458 -19.36 -8.61 -10.90
C GLY A 458 -17.89 -8.69 -11.26
N GLY A 459 -17.09 -7.71 -10.86
CA GLY A 459 -15.67 -7.74 -11.14
C GLY A 459 -14.93 -8.77 -10.33
N ASN A 460 -13.72 -9.08 -10.78
CA ASN A 460 -12.91 -10.10 -10.11
C ASN A 460 -12.63 -9.75 -8.65
N SER A 461 -12.21 -8.51 -8.40
CA SER A 461 -11.89 -8.12 -7.03
C SER A 461 -13.16 -8.07 -6.18
N GLU A 462 -14.27 -7.62 -6.74
CA GLU A 462 -15.50 -7.52 -5.97
C GLU A 462 -16.03 -8.90 -5.59
N ARG A 463 -15.95 -9.86 -6.52
CA ARG A 463 -16.41 -11.21 -6.22
C ARG A 463 -15.57 -11.86 -5.14
N ASN A 464 -14.24 -11.69 -5.20
CA ASN A 464 -13.38 -12.30 -4.19
C ASN A 464 -13.67 -11.76 -2.80
N LEU A 465 -14.12 -10.52 -2.70
CA LEU A 465 -14.43 -9.95 -1.39
C LEU A 465 -15.72 -10.56 -0.83
N VAL A 466 -16.76 -10.65 -1.66
CA VAL A 466 -18.01 -11.25 -1.20
C VAL A 466 -17.82 -12.73 -0.90
N GLU A 467 -17.01 -13.41 -1.72
CA GLU A 467 -16.69 -14.82 -1.43
C GLU A 467 -16.00 -14.96 -0.08
N PHE A 468 -15.12 -14.00 0.27
CA PHE A 468 -14.46 -14.05 1.57
C PHE A 468 -15.47 -13.88 2.71
N ILE A 469 -16.40 -12.94 2.55
CA ILE A 469 -17.42 -12.72 3.57
C ILE A 469 -18.29 -13.95 3.75
N GLU A 470 -18.69 -14.58 2.64
CA GLU A 470 -19.52 -15.78 2.73
C GLU A 470 -18.76 -16.92 3.38
N GLU A 471 -17.45 -17.02 3.10
CA GLU A 471 -16.65 -18.08 3.70
C GLU A 471 -16.51 -17.89 5.20
N VAL A 472 -16.31 -16.64 5.63
CA VAL A 472 -16.34 -16.31 7.05
C VAL A 472 -17.69 -16.70 7.66
N ALA A 473 -18.79 -16.42 6.93
CA ALA A 473 -20.11 -16.72 7.47
C ALA A 473 -20.32 -18.21 7.65
N ARG A 474 -19.78 -19.01 6.73
CA ARG A 474 -19.91 -20.46 6.85
C ARG A 474 -19.12 -20.99 8.04
N LYS A 475 -17.89 -20.52 8.21
CA LYS A 475 -17.06 -20.98 9.32
C LYS A 475 -17.67 -20.59 10.66
N THR A 476 -18.31 -19.41 10.71
CA THR A 476 -18.87 -18.90 11.95
C THR A 476 -20.20 -19.58 12.30
N GLY A 477 -20.92 -20.07 11.29
CA GLY A 477 -22.24 -20.63 11.51
C GLY A 477 -23.19 -19.59 12.04
N SER A 478 -23.24 -18.44 11.36
CA SER A 478 -23.98 -17.30 11.87
C SER A 478 -25.49 -17.47 11.81
N LYS A 479 -25.99 -18.52 11.14
CA LYS A 479 -27.42 -18.75 11.04
C LYS A 479 -27.85 -20.11 11.58
N HIS A 480 -26.96 -20.85 12.24
CA HIS A 480 -27.29 -22.16 12.79
C HIS A 480 -26.68 -22.28 14.19
N GLU A 481 -27.53 -22.33 15.22
CA GLU A 481 -27.04 -22.51 16.58
C GLU A 481 -26.57 -23.95 16.79
N SER A 482 -25.84 -24.14 17.90
CA SER A 482 -25.34 -25.47 18.26
C SER A 482 -25.86 -25.91 19.64
#